data_6RRL
#
_entry.id   6RRL
#
_cell.length_a   1.000
_cell.length_b   1.000
_cell.length_c   1.000
_cell.angle_alpha   90.00
_cell.angle_beta   90.00
_cell.angle_gamma   90.00
#
_symmetry.space_group_name_H-M   'P 1'
#
_entity_poly.entity_id   1
_entity_poly.type   'polypeptide(L)'
_entity_poly.pdbx_seq_one_letter_code
;FRIMRILRVLKL
;
_entity_poly.pdbx_strand_id   A
#
# COMPACT_ATOMS: atom_id res chain seq x y z
N PHE A 1 0.49 -7.88 9.08
CA PHE A 1 1.28 -7.45 7.93
C PHE A 1 0.78 -6.11 7.39
N ARG A 2 1.71 -5.22 7.08
CA ARG A 2 1.36 -3.91 6.55
C ARG A 2 0.98 -3.99 5.07
N ILE A 3 -0.16 -4.61 4.79
CA ILE A 3 -0.63 -4.76 3.42
C ILE A 3 -1.00 -3.41 2.82
N MET A 4 -1.84 -2.66 3.53
CA MET A 4 -2.26 -1.34 3.07
C MET A 4 -1.06 -0.49 2.68
N ARG A 5 0.03 -0.64 3.43
CA ARG A 5 1.25 0.13 3.17
C ARG A 5 1.74 -0.12 1.75
N ILE A 6 1.52 -1.33 1.25
CA ILE A 6 1.96 -1.69 -0.10
C ILE A 6 0.91 -1.27 -1.14
N LEU A 7 -0.35 -1.58 -0.86
CA LEU A 7 -1.44 -1.25 -1.76
C LEU A 7 -1.51 0.26 -1.99
N ARG A 8 -1.40 1.02 -0.90
CA ARG A 8 -1.44 2.47 -0.98
C ARG A 8 -0.45 3.01 -2.00
N VAL A 9 0.62 2.25 -2.23
CA VAL A 9 1.64 2.63 -3.19
C VAL A 9 1.05 2.85 -4.58
N LEU A 10 0.12 1.97 -4.95
CA LEU A 10 -0.52 2.05 -6.26
C LEU A 10 -1.09 3.46 -6.50
N LYS A 11 -1.55 4.09 -5.42
CA LYS A 11 -2.10 5.44 -5.51
C LYS A 11 -1.00 6.49 -5.44
N LEU A 12 -0.01 6.36 -6.31
CA LEU A 12 1.10 7.30 -6.34
C LEU A 12 0.65 8.67 -6.86
N PHE A 1 0.98 -7.84 9.10
CA PHE A 1 1.66 -7.40 7.89
C PHE A 1 1.09 -6.07 7.40
N ARG A 2 1.97 -5.21 6.90
CA ARG A 2 1.56 -3.90 6.40
C ARG A 2 1.11 -4.00 4.94
N ILE A 3 0.04 -4.75 4.71
CA ILE A 3 -0.49 -4.93 3.36
C ILE A 3 -1.07 -3.62 2.83
N MET A 4 -2.03 -3.05 3.55
CA MET A 4 -2.66 -1.80 3.16
C MET A 4 -1.60 -0.75 2.81
N ARG A 5 -0.52 -0.73 3.57
CA ARG A 5 0.56 0.22 3.34
C ARG A 5 1.15 0.06 1.95
N ILE A 6 1.27 -1.19 1.51
CA ILE A 6 1.82 -1.49 0.20
C ILE A 6 0.87 -1.05 -0.91
N LEU A 7 -0.40 -1.41 -0.77
CA LEU A 7 -1.41 -1.05 -1.76
C LEU A 7 -1.45 0.45 -1.98
N ARG A 8 -1.20 1.21 -0.92
CA ARG A 8 -1.20 2.66 -1.00
C ARG A 8 -0.29 3.14 -2.12
N VAL A 9 0.74 2.35 -2.43
CA VAL A 9 1.68 2.70 -3.48
C VAL A 9 0.97 2.90 -4.82
N LEU A 10 -0.02 2.06 -5.08
CA LEU A 10 -0.78 2.14 -6.32
C LEU A 10 -1.31 3.56 -6.55
N LYS A 11 -1.65 4.24 -5.46
CA LYS A 11 -2.16 5.60 -5.53
C LYS A 11 -1.03 6.61 -5.35
N LEU A 12 0.06 6.42 -6.10
CA LEU A 12 1.20 7.31 -6.03
C LEU A 12 1.93 7.37 -7.36
N PHE A 1 -0.66 -8.19 8.87
CA PHE A 1 0.20 -7.85 7.73
C PHE A 1 -0.02 -6.41 7.30
N ARG A 2 1.06 -5.72 6.98
CA ARG A 2 0.99 -4.32 6.56
C ARG A 2 0.60 -4.23 5.09
N ILE A 3 -0.65 -4.57 4.79
CA ILE A 3 -1.15 -4.52 3.42
C ILE A 3 -1.23 -3.08 2.92
N MET A 4 -1.86 -2.22 3.70
CA MET A 4 -2.00 -0.81 3.33
C MET A 4 -0.65 -0.22 2.95
N ARG A 5 0.40 -0.66 3.64
CA ARG A 5 1.74 -0.16 3.36
C ARG A 5 2.15 -0.45 1.91
N ILE A 6 1.72 -1.59 1.40
CA ILE A 6 2.03 -1.97 0.03
C ILE A 6 1.17 -1.20 -0.97
N LEU A 7 -0.13 -1.18 -0.74
CA LEU A 7 -1.06 -0.46 -1.61
C LEU A 7 -0.60 0.97 -1.83
N ARG A 8 0.02 1.55 -0.81
CA ARG A 8 0.51 2.93 -0.90
C ARG A 8 1.35 3.13 -2.15
N VAL A 9 1.97 2.06 -2.62
CA VAL A 9 2.81 2.13 -3.81
C VAL A 9 2.02 2.63 -5.01
N LEU A 10 0.78 2.15 -5.14
CA LEU A 10 -0.08 2.55 -6.24
C LEU A 10 -0.20 4.07 -6.32
N LYS A 11 -0.15 4.72 -5.16
CA LYS A 11 -0.24 6.18 -5.10
C LYS A 11 -1.46 6.67 -5.87
N LEU A 12 -2.57 5.96 -5.72
CA LEU A 12 -3.81 6.33 -6.39
C LEU A 12 -3.57 6.56 -7.88
N PHE A 1 1.02 -8.03 9.00
CA PHE A 1 1.68 -7.54 7.79
C PHE A 1 1.10 -6.19 7.37
N ARG A 2 1.96 -5.31 6.88
CA ARG A 2 1.53 -3.98 6.44
C ARG A 2 1.10 -4.01 4.97
N ILE A 3 0.04 -4.78 4.69
CA ILE A 3 -0.47 -4.89 3.33
C ILE A 3 -1.01 -3.55 2.83
N MET A 4 -1.90 -2.95 3.61
CA MET A 4 -2.48 -1.67 3.25
C MET A 4 -1.41 -0.65 2.89
N ARG A 5 -0.29 -0.70 3.62
CA ARG A 5 0.82 0.20 3.39
C ARG A 5 1.34 0.08 1.95
N ILE A 6 1.26 -1.13 1.41
CA ILE A 6 1.72 -1.40 0.05
C ILE A 6 0.65 -1.02 -0.97
N LEU A 7 -0.61 -1.26 -0.62
CA LEU A 7 -1.73 -0.95 -1.50
C LEU A 7 -1.73 0.54 -1.86
N ARG A 8 -1.57 1.38 -0.85
CA ARG A 8 -1.57 2.82 -1.06
C ARG A 8 -0.54 3.21 -2.11
N VAL A 9 0.51 2.41 -2.24
CA VAL A 9 1.57 2.66 -3.21
C VAL A 9 1.00 2.71 -4.63
N LEU A 10 0.00 1.88 -4.89
CA LEU A 10 -0.61 1.82 -6.22
C LEU A 10 -1.03 3.21 -6.68
N LYS A 11 -1.43 4.05 -5.74
CA LYS A 11 -1.85 5.41 -6.05
C LYS A 11 -0.73 6.40 -5.78
N LEU A 12 0.38 6.26 -6.49
CA LEU A 12 1.52 7.14 -6.34
C LEU A 12 1.12 8.60 -6.54
N PHE A 1 -0.74 -7.15 9.09
CA PHE A 1 -0.09 -7.08 7.79
C PHE A 1 -0.10 -5.66 7.25
N ARG A 2 1.04 -5.21 6.73
CA ARG A 2 1.15 -3.86 6.18
C ARG A 2 0.57 -3.80 4.77
N ILE A 3 -0.74 -3.95 4.66
CA ILE A 3 -1.42 -3.91 3.37
C ILE A 3 -1.34 -2.53 2.75
N MET A 4 -1.78 -1.51 3.50
CA MET A 4 -1.75 -0.14 3.03
C MET A 4 -0.38 0.22 2.49
N ARG A 5 0.66 -0.31 3.11
CA ARG A 5 2.04 -0.04 2.70
C ARG A 5 2.25 -0.47 1.25
N ILE A 6 1.65 -1.59 0.86
CA ILE A 6 1.78 -2.10 -0.49
C ILE A 6 0.96 -1.27 -1.47
N LEU A 7 -0.26 -0.94 -1.07
CA LEU A 7 -1.15 -0.15 -1.91
C LEU A 7 -0.49 1.17 -2.32
N ARG A 8 0.30 1.73 -1.41
CA ARG A 8 0.98 2.98 -1.66
C ARG A 8 1.78 2.91 -2.96
N VAL A 9 2.20 1.71 -3.32
CA VAL A 9 2.98 1.50 -4.54
C VAL A 9 2.19 1.94 -5.78
N LEU A 10 0.88 1.72 -5.74
CA LEU A 10 0.01 2.10 -6.86
C LEU A 10 -0.81 3.33 -6.51
N LYS A 11 -0.23 4.22 -5.71
CA LYS A 11 -0.90 5.45 -5.31
C LYS A 11 -2.15 5.13 -4.48
N LEU A 12 -2.07 5.41 -3.18
CA LEU A 12 -3.18 5.15 -2.28
C LEU A 12 -4.46 5.79 -2.81
N PHE A 1 -0.88 -7.21 9.02
CA PHE A 1 -0.06 -7.07 7.82
C PHE A 1 -0.11 -5.64 7.29
N ARG A 2 1.02 -5.16 6.80
CA ARG A 2 1.11 -3.81 6.26
C ARG A 2 0.59 -3.75 4.83
N ILE A 3 -0.71 -3.97 4.65
CA ILE A 3 -1.32 -3.95 3.33
C ILE A 3 -1.21 -2.57 2.70
N MET A 4 -1.57 -1.54 3.47
CA MET A 4 -1.52 -0.18 2.97
C MET A 4 -0.14 0.14 2.38
N ARG A 5 0.90 -0.40 3.01
CA ARG A 5 2.27 -0.18 2.54
C ARG A 5 2.42 -0.62 1.08
N ILE A 6 1.66 -1.64 0.70
CA ILE A 6 1.72 -2.16 -0.67
C ILE A 6 0.81 -1.36 -1.59
N LEU A 7 -0.39 -1.04 -1.12
CA LEU A 7 -1.35 -0.28 -1.90
C LEU A 7 -0.80 1.11 -2.24
N ARG A 8 -0.18 1.74 -1.25
CA ARG A 8 0.41 3.07 -1.45
C ARG A 8 1.40 3.06 -2.60
N VAL A 9 1.96 1.89 -2.89
CA VAL A 9 2.93 1.75 -3.97
C VAL A 9 2.33 2.17 -5.30
N LEU A 10 1.06 1.87 -5.50
CA LEU A 10 0.37 2.22 -6.73
C LEU A 10 -0.47 3.48 -6.55
N LYS A 11 0.02 4.40 -5.72
CA LYS A 11 -0.68 5.64 -5.46
C LYS A 11 -2.14 5.39 -5.09
N LEU A 12 -2.38 5.08 -3.82
CA LEU A 12 -3.72 4.80 -3.33
C LEU A 12 -3.97 5.48 -1.99
N PHE A 1 0.64 -7.58 9.29
CA PHE A 1 1.30 -7.22 8.03
C PHE A 1 0.80 -5.86 7.53
N ARG A 2 1.73 -5.06 7.02
CA ARG A 2 1.39 -3.74 6.50
C ARG A 2 0.94 -3.83 5.04
N ILE A 3 -0.19 -4.48 4.81
CA ILE A 3 -0.72 -4.64 3.47
C ILE A 3 -1.13 -3.29 2.87
N MET A 4 -1.93 -2.55 3.63
CA MET A 4 -2.39 -1.23 3.19
C MET A 4 -1.23 -0.38 2.69
N ARG A 5 -0.07 -0.53 3.35
CA ARG A 5 1.11 0.23 2.98
C ARG A 5 1.53 -0.09 1.54
N ILE A 6 1.44 -1.36 1.17
CA ILE A 6 1.81 -1.80 -0.17
C ILE A 6 0.81 -1.28 -1.21
N LEU A 7 -0.47 -1.47 -0.93
CA LEU A 7 -1.52 -1.03 -1.84
C LEU A 7 -1.36 0.45 -2.18
N ARG A 8 -0.93 1.24 -1.21
CA ARG A 8 -0.73 2.67 -1.41
C ARG A 8 0.18 2.92 -2.61
N VAL A 9 1.05 1.96 -2.89
CA VAL A 9 1.97 2.08 -4.02
C VAL A 9 1.22 2.28 -5.33
N LEU A 10 0.05 1.66 -5.43
CA LEU A 10 -0.77 1.76 -6.63
C LEU A 10 -1.32 3.17 -6.79
N LYS A 11 -1.56 3.84 -5.68
CA LYS A 11 -2.09 5.20 -5.69
C LYS A 11 -0.95 6.22 -5.66
N LEU A 12 -0.35 6.40 -4.49
CA LEU A 12 0.75 7.35 -4.34
C LEU A 12 0.38 8.72 -4.91
N PHE A 1 0.91 -7.99 9.11
CA PHE A 1 1.60 -7.45 7.95
C PHE A 1 0.94 -6.16 7.47
N ARG A 2 1.78 -5.20 7.10
CA ARG A 2 1.29 -3.90 6.62
C ARG A 2 0.96 -3.96 5.14
N ILE A 3 -0.06 -4.73 4.79
CA ILE A 3 -0.48 -4.87 3.39
C ILE A 3 -1.01 -3.55 2.85
N MET A 4 -1.94 -2.94 3.58
CA MET A 4 -2.52 -1.67 3.16
C MET A 4 -1.44 -0.66 2.79
N ARG A 5 -0.32 -0.72 3.50
CA ARG A 5 0.79 0.19 3.24
C ARG A 5 1.31 0.02 1.82
N ILE A 6 1.42 -1.22 1.38
CA ILE A 6 1.91 -1.52 0.04
C ILE A 6 0.90 -1.08 -1.02
N LEU A 7 -0.36 -1.39 -0.79
CA LEU A 7 -1.42 -1.02 -1.72
C LEU A 7 -1.43 0.49 -1.99
N ARG A 8 -1.10 1.26 -0.95
CA ARG A 8 -1.06 2.71 -1.07
C ARG A 8 -0.17 3.14 -2.24
N VAL A 9 0.80 2.30 -2.56
CA VAL A 9 1.71 2.60 -3.66
C VAL A 9 0.96 2.78 -4.97
N LEU A 10 -0.07 1.96 -5.18
CA LEU A 10 -0.87 2.04 -6.40
C LEU A 10 -1.37 3.46 -6.62
N LYS A 11 -1.66 4.17 -5.53
CA LYS A 11 -2.14 5.54 -5.62
C LYS A 11 -1.06 6.47 -6.13
N LEU A 12 -0.10 6.79 -5.26
CA LEU A 12 1.00 7.67 -5.63
C LEU A 12 1.67 7.20 -6.92
N PHE A 1 0.38 -7.47 9.30
CA PHE A 1 1.04 -7.20 8.04
C PHE A 1 0.68 -5.82 7.51
N ARG A 2 1.65 -5.14 6.91
CA ARG A 2 1.43 -3.80 6.37
C ARG A 2 0.91 -3.88 4.93
N ILE A 3 -0.26 -4.49 4.76
CA ILE A 3 -0.85 -4.63 3.43
C ILE A 3 -1.20 -3.27 2.84
N MET A 4 -1.97 -2.48 3.58
CA MET A 4 -2.37 -1.16 3.13
C MET A 4 -1.16 -0.35 2.67
N ARG A 5 -0.04 -0.53 3.37
CA ARG A 5 1.19 0.18 3.02
C ARG A 5 1.64 -0.15 1.61
N ILE A 6 1.48 -1.41 1.21
CA ILE A 6 1.87 -1.85 -0.12
C ILE A 6 0.92 -1.29 -1.18
N LEU A 7 -0.38 -1.40 -0.92
CA LEU A 7 -1.38 -0.91 -1.85
C LEU A 7 -1.15 0.56 -2.17
N ARG A 8 -0.69 1.31 -1.18
CA ARG A 8 -0.42 2.74 -1.37
C ARG A 8 0.47 2.97 -2.59
N VAL A 9 1.30 1.98 -2.91
CA VAL A 9 2.19 2.08 -4.05
C VAL A 9 1.43 2.34 -5.34
N LEU A 10 0.30 1.66 -5.49
CA LEU A 10 -0.54 1.82 -6.68
C LEU A 10 -1.66 2.83 -6.44
N LYS A 11 -1.36 3.84 -5.62
CA LYS A 11 -2.34 4.88 -5.31
C LYS A 11 -1.74 6.28 -5.50
N LEU A 12 -0.89 6.69 -4.56
CA LEU A 12 -0.26 7.99 -4.63
C LEU A 12 1.20 7.86 -5.08
N PHE A 1 0.55 -8.22 8.66
CA PHE A 1 1.34 -7.65 7.57
C PHE A 1 0.77 -6.30 7.13
N ARG A 2 1.66 -5.33 6.94
CA ARG A 2 1.24 -3.99 6.52
C ARG A 2 0.95 -3.96 5.02
N ILE A 3 -0.13 -4.63 4.62
CA ILE A 3 -0.52 -4.68 3.22
C ILE A 3 -0.94 -3.29 2.72
N MET A 4 -1.83 -2.66 3.46
CA MET A 4 -2.31 -1.33 3.10
C MET A 4 -1.14 -0.38 2.83
N ARG A 5 -0.06 -0.55 3.59
CA ARG A 5 1.12 0.29 3.42
C ARG A 5 1.70 0.16 2.02
N ILE A 6 1.61 -1.06 1.47
CA ILE A 6 2.13 -1.32 0.14
C ILE A 6 1.08 -1.02 -0.94
N LEU A 7 -0.17 -1.36 -0.63
CA LEU A 7 -1.26 -1.13 -1.57
C LEU A 7 -1.43 0.36 -1.86
N ARG A 8 -1.33 1.17 -0.82
CA ARG A 8 -1.47 2.61 -0.96
C ARG A 8 -0.50 3.15 -2.02
N VAL A 9 0.57 2.41 -2.26
CA VAL A 9 1.56 2.81 -3.25
C VAL A 9 0.93 2.96 -4.63
N LEU A 10 0.03 2.06 -4.97
CA LEU A 10 -0.64 2.09 -6.26
C LEU A 10 -1.28 3.45 -6.51
N LYS A 11 -1.72 4.09 -5.43
CA LYS A 11 -2.35 5.41 -5.53
C LYS A 11 -1.35 6.45 -6.02
N LEU A 12 -0.08 6.26 -5.67
CA LEU A 12 0.96 7.19 -6.08
C LEU A 12 1.69 6.68 -7.32
N PHE A 1 -0.10 -8.51 8.67
CA PHE A 1 0.76 -8.00 7.63
C PHE A 1 0.33 -6.59 7.21
N ARG A 2 1.31 -5.72 6.98
CA ARG A 2 1.04 -4.34 6.58
C ARG A 2 0.75 -4.27 5.08
N ILE A 3 -0.39 -4.82 4.67
CA ILE A 3 -0.77 -4.81 3.27
C ILE A 3 -1.04 -3.39 2.79
N MET A 4 -1.83 -2.64 3.55
CA MET A 4 -2.16 -1.27 3.19
C MET A 4 -0.90 -0.47 2.90
N ARG A 5 0.16 -0.73 3.65
CA ARG A 5 1.43 -0.04 3.48
C ARG A 5 1.94 -0.21 2.05
N ILE A 6 1.62 -1.34 1.43
CA ILE A 6 2.04 -1.62 0.07
C ILE A 6 1.06 -1.05 -0.94
N LEU A 7 -0.22 -1.16 -0.65
CA LEU A 7 -1.26 -0.64 -1.54
C LEU A 7 -1.11 0.87 -1.72
N ARG A 8 -0.86 1.57 -0.64
CA ARG A 8 -0.69 3.02 -0.68
C ARG A 8 0.41 3.41 -1.66
N VAL A 9 1.33 2.50 -1.89
CA VAL A 9 2.44 2.74 -2.81
C VAL A 9 1.92 3.08 -4.21
N LEU A 10 0.82 2.45 -4.60
CA LEU A 10 0.23 2.68 -5.91
C LEU A 10 -0.89 3.73 -5.82
N LYS A 11 -0.71 4.69 -4.93
CA LYS A 11 -1.71 5.74 -4.75
C LYS A 11 -2.07 6.39 -6.07
N LEU A 12 -1.10 6.45 -6.99
CA LEU A 12 -1.31 7.04 -8.30
C LEU A 12 -1.14 6.00 -9.39
N PHE A 1 1.35 -7.73 9.19
CA PHE A 1 1.79 -7.25 7.90
C PHE A 1 0.97 -6.03 7.47
N ARG A 2 1.66 -4.97 7.07
CA ARG A 2 1.00 -3.74 6.63
C ARG A 2 0.67 -3.81 5.14
N ILE A 3 -0.18 -4.76 4.77
CA ILE A 3 -0.57 -4.93 3.37
C ILE A 3 -1.05 -3.60 2.78
N MET A 4 -1.93 -2.92 3.51
CA MET A 4 -2.46 -1.63 3.06
C MET A 4 -1.33 -0.67 2.70
N ARG A 5 -0.27 -0.69 3.51
CA ARG A 5 0.87 0.19 3.29
C ARG A 5 1.42 0.02 1.87
N ILE A 6 1.38 -1.21 1.37
CA ILE A 6 1.86 -1.50 0.03
C ILE A 6 0.87 -1.06 -1.03
N LEU A 7 -0.40 -1.39 -0.83
CA LEU A 7 -1.45 -1.02 -1.76
C LEU A 7 -1.42 0.48 -2.05
N ARG A 8 -1.07 1.26 -1.04
CA ARG A 8 -1.00 2.72 -1.18
C ARG A 8 -0.14 3.10 -2.38
N VAL A 9 0.82 2.25 -2.72
CA VAL A 9 1.69 2.49 -3.85
C VAL A 9 0.90 2.67 -5.15
N LEU A 10 -0.17 1.90 -5.28
CA LEU A 10 -1.01 1.96 -6.47
C LEU A 10 -1.47 3.39 -6.74
N LYS A 11 -1.70 4.14 -5.67
CA LYS A 11 -2.14 5.52 -5.78
C LYS A 11 -1.01 6.49 -5.39
N LEU A 12 0.05 6.49 -6.20
CA LEU A 12 1.19 7.37 -5.94
C LEU A 12 1.67 7.23 -4.50
N PHE A 1 -0.71 -8.61 8.30
CA PHE A 1 0.15 -8.14 7.22
C PHE A 1 -0.07 -6.66 6.95
N ARG A 2 1.02 -5.94 6.64
CA ARG A 2 0.94 -4.51 6.36
C ARG A 2 0.64 -4.27 4.88
N ILE A 3 -0.53 -4.72 4.43
CA ILE A 3 -0.93 -4.54 3.04
C ILE A 3 -1.07 -3.07 2.69
N MET A 4 -1.87 -2.36 3.48
CA MET A 4 -2.09 -0.93 3.26
C MET A 4 -0.76 -0.19 3.10
N ARG A 5 0.22 -0.60 3.89
CA ARG A 5 1.55 0.03 3.84
C ARG A 5 2.16 -0.09 2.45
N ILE A 6 1.88 -1.21 1.78
CA ILE A 6 2.40 -1.44 0.44
C ILE A 6 1.47 -0.87 -0.62
N LEU A 7 0.17 -0.93 -0.37
CA LEU A 7 -0.82 -0.41 -1.30
C LEU A 7 -0.58 1.07 -1.58
N ARG A 8 -0.11 1.79 -0.56
CA ARG A 8 0.16 3.21 -0.70
C ARG A 8 1.04 3.48 -1.92
N VAL A 9 1.85 2.49 -2.29
CA VAL A 9 2.74 2.63 -3.44
C VAL A 9 1.96 2.93 -4.70
N LEU A 10 0.82 2.25 -4.87
CA LEU A 10 -0.02 2.45 -6.04
C LEU A 10 -1.18 3.38 -5.74
N LYS A 11 -0.94 4.35 -4.85
CA LYS A 11 -1.96 5.32 -4.47
C LYS A 11 -2.57 5.98 -5.70
N LEU A 12 -1.78 6.08 -6.76
CA LEU A 12 -2.24 6.70 -7.99
C LEU A 12 -1.54 6.08 -9.20
N PHE A 1 -0.61 -8.22 8.85
CA PHE A 1 0.15 -7.92 7.66
C PHE A 1 0.01 -6.45 7.27
N ARG A 2 1.10 -5.85 6.81
CA ARG A 2 1.10 -4.45 6.41
C ARG A 2 0.67 -4.30 4.95
N ILE A 3 -0.58 -4.64 4.67
CA ILE A 3 -1.10 -4.54 3.31
C ILE A 3 -1.20 -3.09 2.86
N MET A 4 -1.82 -2.26 3.70
CA MET A 4 -1.98 -0.84 3.39
C MET A 4 -0.66 -0.23 2.96
N ARG A 5 0.42 -0.60 3.65
CA ARG A 5 1.75 -0.09 3.34
C ARG A 5 2.11 -0.37 1.88
N ILE A 6 1.66 -1.52 1.37
CA ILE A 6 1.94 -1.89 -0.01
C ILE A 6 1.02 -1.16 -0.98
N LEU A 7 -0.22 -0.94 -0.56
CA LEU A 7 -1.21 -0.26 -1.38
C LEU A 7 -0.74 1.16 -1.71
N ARG A 8 -0.17 1.84 -0.73
CA ARG A 8 0.32 3.20 -0.92
C ARG A 8 1.27 3.27 -2.11
N VAL A 9 1.92 2.16 -2.41
CA VAL A 9 2.85 2.10 -3.53
C VAL A 9 2.17 2.48 -4.84
N LEU A 10 0.91 2.10 -4.96
CA LEU A 10 0.13 2.40 -6.17
C LEU A 10 0.01 3.91 -6.37
N LYS A 11 -0.07 4.65 -5.27
CA LYS A 11 -0.19 6.10 -5.33
C LYS A 11 -1.42 6.51 -6.13
N LEU A 12 -2.59 6.02 -5.71
CA LEU A 12 -3.83 6.34 -6.38
C LEU A 12 -3.72 6.09 -7.89
N PHE A 1 1.86 -7.70 8.91
CA PHE A 1 2.20 -7.15 7.61
C PHE A 1 1.27 -5.98 7.26
N ARG A 2 1.87 -4.84 6.90
CA ARG A 2 1.10 -3.66 6.54
C ARG A 2 0.69 -3.70 5.08
N ILE A 3 -0.13 -4.69 4.73
CA ILE A 3 -0.61 -4.84 3.36
C ILE A 3 -1.14 -3.52 2.82
N MET A 4 -1.98 -2.86 3.60
CA MET A 4 -2.57 -1.59 3.21
C MET A 4 -1.48 -0.60 2.80
N ARG A 5 -0.34 -0.66 3.48
CA ARG A 5 0.77 0.24 3.18
C ARG A 5 1.30 0.00 1.77
N ILE A 6 1.13 -1.23 1.28
CA ILE A 6 1.60 -1.59 -0.05
C ILE A 6 0.58 -1.18 -1.11
N LEU A 7 -0.70 -1.36 -0.80
CA LEU A 7 -1.77 -1.00 -1.73
C LEU A 7 -1.74 0.48 -2.05
N ARG A 8 -1.54 1.31 -1.03
CA ARG A 8 -1.48 2.75 -1.21
C ARG A 8 -0.45 3.14 -2.27
N VAL A 9 0.55 2.27 -2.45
CA VAL A 9 1.60 2.51 -3.43
C VAL A 9 1.02 2.68 -4.83
N LEU A 10 0.03 1.84 -5.16
CA LEU A 10 -0.60 1.90 -6.47
C LEU A 10 -1.07 3.32 -6.79
N LYS A 11 -1.46 4.06 -5.75
CA LYS A 11 -1.91 5.43 -5.93
C LYS A 11 -0.81 6.42 -5.57
N LEU A 12 0.39 6.18 -6.08
CA LEU A 12 1.53 7.04 -5.81
C LEU A 12 1.69 7.29 -4.32
N PHE A 1 -0.44 -8.55 8.55
CA PHE A 1 0.44 -8.08 7.48
C PHE A 1 0.12 -6.64 7.10
N ARG A 2 1.16 -5.85 6.89
CA ARG A 2 1.00 -4.45 6.52
C ARG A 2 0.68 -4.31 5.03
N ILE A 3 -0.51 -4.75 4.65
CA ILE A 3 -0.93 -4.68 3.25
C ILE A 3 -1.12 -3.24 2.81
N MET A 4 -1.85 -2.46 3.60
CA MET A 4 -2.10 -1.06 3.30
C MET A 4 -0.79 -0.33 2.99
N ARG A 5 0.28 -0.70 3.70
CA ARG A 5 1.57 -0.09 3.50
C ARG A 5 2.05 -0.26 2.06
N ILE A 6 1.67 -1.37 1.44
CA ILE A 6 2.04 -1.65 0.06
C ILE A 6 1.09 -0.99 -0.92
N LEU A 7 -0.19 -0.93 -0.54
CA LEU A 7 -1.21 -0.32 -1.40
C LEU A 7 -0.88 1.15 -1.65
N ARG A 8 -0.49 1.86 -0.62
CA ARG A 8 -0.15 3.27 -0.74
C ARG A 8 0.93 3.48 -1.79
N VAL A 9 1.73 2.45 -2.02
CA VAL A 9 2.81 2.52 -3.00
C VAL A 9 2.26 2.85 -4.39
N LEU A 10 1.04 2.40 -4.67
CA LEU A 10 0.41 2.65 -5.95
C LEU A 10 -0.78 3.60 -5.80
N LYS A 11 -0.64 4.58 -4.92
CA LYS A 11 -1.69 5.56 -4.68
C LYS A 11 -2.21 6.12 -6.00
N LEU A 12 -1.32 6.24 -6.98
CA LEU A 12 -1.69 6.77 -8.28
C LEU A 12 -2.89 6.01 -8.87
N PHE A 1 0.78 -7.57 9.27
CA PHE A 1 1.43 -7.21 8.01
C PHE A 1 0.92 -5.86 7.50
N ARG A 2 1.83 -5.07 6.94
CA ARG A 2 1.47 -3.75 6.42
C ARG A 2 1.01 -3.86 4.96
N ILE A 3 -0.09 -4.56 4.74
CA ILE A 3 -0.63 -4.74 3.40
C ILE A 3 -1.09 -3.41 2.81
N MET A 4 -1.95 -2.71 3.54
CA MET A 4 -2.46 -1.42 3.09
C MET A 4 -1.32 -0.50 2.67
N ARG A 5 -0.21 -0.57 3.40
CA ARG A 5 0.96 0.25 3.10
C ARG A 5 1.45 0.00 1.67
N ILE A 6 1.38 -1.26 1.25
CA ILE A 6 1.82 -1.62 -0.10
C ILE A 6 0.80 -1.17 -1.16
N LEU A 7 -0.47 -1.34 -0.85
CA LEU A 7 -1.54 -0.95 -1.76
C LEU A 7 -1.43 0.53 -2.12
N ARG A 8 -1.06 1.34 -1.14
CA ARG A 8 -0.92 2.78 -1.34
C ARG A 8 -0.02 3.07 -2.54
N VAL A 9 0.91 2.16 -2.82
CA VAL A 9 1.82 2.31 -3.95
C VAL A 9 1.07 2.44 -5.26
N LEU A 10 -0.05 1.73 -5.37
CA LEU A 10 -0.86 1.76 -6.58
C LEU A 10 -1.37 3.17 -6.86
N LYS A 11 -1.59 3.93 -5.79
CA LYS A 11 -2.08 5.30 -5.92
C LYS A 11 -1.24 6.25 -5.08
N LEU A 12 0.07 6.06 -5.11
CA LEU A 12 0.98 6.91 -4.36
C LEU A 12 1.05 8.32 -4.96
N PHE A 1 1.06 -7.47 9.31
CA PHE A 1 1.51 -7.10 7.97
C PHE A 1 0.83 -5.81 7.50
N ARG A 2 1.64 -4.87 7.02
CA ARG A 2 1.12 -3.59 6.55
C ARG A 2 0.71 -3.68 5.08
N ILE A 3 -0.27 -4.54 4.80
CA ILE A 3 -0.75 -4.72 3.44
C ILE A 3 -1.08 -3.38 2.79
N MET A 4 -1.84 -2.54 3.50
CA MET A 4 -2.21 -1.23 3.00
C MET A 4 -0.99 -0.44 2.54
N ARG A 5 0.11 -0.61 3.27
CA ARG A 5 1.35 0.09 2.94
C ARG A 5 1.79 -0.23 1.52
N ILE A 6 1.48 -1.42 1.06
CA ILE A 6 1.83 -1.84 -0.30
C ILE A 6 0.78 -1.40 -1.31
N LEU A 7 -0.49 -1.66 -0.98
CA LEU A 7 -1.59 -1.28 -1.85
C LEU A 7 -1.59 0.22 -2.12
N ARG A 8 -1.37 1.00 -1.08
CA ARG A 8 -1.34 2.46 -1.20
C ARG A 8 -0.36 2.89 -2.29
N VAL A 9 0.65 2.06 -2.54
CA VAL A 9 1.65 2.36 -3.55
C VAL A 9 1.00 2.53 -4.92
N LEU A 10 -0.02 1.73 -5.19
CA LEU A 10 -0.72 1.80 -6.47
C LEU A 10 -1.16 3.23 -6.79
N LYS A 11 -1.50 3.97 -5.74
CA LYS A 11 -1.93 5.36 -5.90
C LYS A 11 -1.08 6.29 -5.06
N LEU A 12 0.18 6.46 -5.45
CA LEU A 12 1.11 7.33 -4.74
C LEU A 12 0.88 8.79 -5.11
N PHE A 1 -0.61 -8.26 8.71
CA PHE A 1 0.24 -7.90 7.57
C PHE A 1 0.00 -6.45 7.16
N ARG A 2 1.09 -5.73 6.88
CA ARG A 2 0.99 -4.33 6.48
C ARG A 2 0.59 -4.23 5.01
N ILE A 3 -0.65 -4.60 4.71
CA ILE A 3 -1.15 -4.54 3.34
C ILE A 3 -1.26 -3.10 2.85
N MET A 4 -1.91 -2.26 3.64
CA MET A 4 -2.07 -0.85 3.29
C MET A 4 -0.73 -0.22 2.93
N ARG A 5 0.33 -0.63 3.63
CA ARG A 5 1.66 -0.11 3.37
C ARG A 5 2.08 -0.36 1.93
N ILE A 6 1.67 -1.50 1.38
CA ILE A 6 2.01 -1.86 0.01
C ILE A 6 1.15 -1.07 -0.98
N LEU A 7 -0.15 -1.04 -0.73
CA LEU A 7 -1.08 -0.33 -1.60
C LEU A 7 -0.61 1.11 -1.83
N ARG A 8 -0.06 1.72 -0.79
CA ARG A 8 0.43 3.09 -0.88
C ARG A 8 1.37 3.26 -2.06
N VAL A 9 2.05 2.17 -2.42
CA VAL A 9 3.00 2.20 -3.53
C VAL A 9 2.31 2.64 -4.82
N LEU A 10 1.04 2.30 -4.96
CA LEU A 10 0.27 2.68 -6.14
C LEU A 10 -0.17 4.13 -6.07
N LYS A 11 -0.33 4.64 -4.85
CA LYS A 11 -0.74 6.02 -4.65
C LYS A 11 -1.77 6.44 -5.69
N LEU A 12 -2.71 5.56 -5.98
CA LEU A 12 -3.76 5.83 -6.96
C LEU A 12 -3.16 6.33 -8.27
N PHE A 1 -0.64 -8.13 8.84
CA PHE A 1 0.19 -7.84 7.67
C PHE A 1 0.06 -6.38 7.26
N ARG A 2 1.17 -5.81 6.79
CA ARG A 2 1.18 -4.41 6.36
C ARG A 2 0.76 -4.29 4.90
N ILE A 3 -0.48 -4.63 4.61
CA ILE A 3 -1.01 -4.56 3.25
C ILE A 3 -1.11 -3.11 2.79
N MET A 4 -1.75 -2.28 3.61
CA MET A 4 -1.92 -0.87 3.28
C MET A 4 -0.60 -0.24 2.87
N ARG A 5 0.47 -0.59 3.59
CA ARG A 5 1.80 -0.06 3.30
C ARG A 5 2.20 -0.37 1.86
N ILE A 6 1.72 -1.49 1.34
CA ILE A 6 2.03 -1.89 -0.02
C ILE A 6 1.10 -1.23 -1.02
N LEU A 7 -0.20 -1.26 -0.73
CA LEU A 7 -1.20 -0.65 -1.60
C LEU A 7 -0.93 0.84 -1.78
N ARG A 8 -0.64 1.52 -0.67
CA ARG A 8 -0.36 2.95 -0.71
C ARG A 8 0.72 3.27 -1.74
N VAL A 9 1.58 2.30 -2.00
CA VAL A 9 2.67 2.48 -2.96
C VAL A 9 2.13 2.84 -4.34
N LEU A 10 1.01 2.23 -4.71
CA LEU A 10 0.38 2.49 -5.99
C LEU A 10 -0.83 3.40 -5.85
N LYS A 11 -0.75 4.34 -4.91
CA LYS A 11 -1.83 5.28 -4.66
C LYS A 11 -2.27 5.96 -5.95
N LEU A 12 -1.33 6.12 -6.88
CA LEU A 12 -1.60 6.76 -8.16
C LEU A 12 -2.32 8.09 -7.95
#